data_1S6C
#
_entry.id   1S6C
#
_cell.length_a   74.744
_cell.length_b   74.487
_cell.length_c   85.410
_cell.angle_alpha   90.00
_cell.angle_beta   90.00
_cell.angle_gamma   90.00
#
_symmetry.space_group_name_H-M   'I 2 2 2'
#
loop_
_entity.id
_entity.type
_entity.pdbx_description
1 polymer 'Kv4 potassium channel-interacting protein KChIP1b'
2 polymer 'Potassium voltage-gated channel subfamily D member 2'
3 non-polymer 'CALCIUM ION'
4 water water
#
loop_
_entity_poly.entity_id
_entity_poly.type
_entity_poly.pdbx_seq_one_letter_code
_entity_poly.pdbx_strand_id
1 'polypeptide(L)'
;HRPEGLEQLEAQTNFTKRELQVLYRGFKNE(CAS)PSGVVNEETFKQIYAQFFPHGDASTYAHYLFNAFDTTQTGSVKFE
DFVTALSILLRGTVHEKLRWTFNLYDINKDGYINKEEMMDIVKAIYDMMGKYTYPVLKEDTPRQHVDVFFQKMDKNKDGI
VTLDEFLES(CAS)QEDDNIMRSLQLFQNVM
;
A
2 'polypeptide(L)' MAAGVAAWLPFARAAAIGWMPVASGPMPAP B
#
# COMPACT_ATOMS: atom_id res chain seq x y z
N LEU A 6 21.80 3.91 -10.11
CA LEU A 6 20.39 4.38 -10.29
C LEU A 6 19.91 4.23 -11.74
N GLU A 7 20.83 3.86 -12.63
CA GLU A 7 20.49 3.69 -14.04
C GLU A 7 19.37 2.68 -14.29
N GLN A 8 19.54 1.47 -13.77
CA GLN A 8 18.55 0.43 -13.95
C GLN A 8 17.23 0.80 -13.28
N LEU A 9 17.32 1.41 -12.11
CA LEU A 9 16.12 1.81 -11.38
C LEU A 9 15.35 2.83 -12.22
N GLU A 10 16.06 3.77 -12.84
CA GLU A 10 15.42 4.77 -13.65
C GLU A 10 14.68 4.08 -14.80
N ALA A 11 15.32 3.10 -15.41
CA ALA A 11 14.70 2.38 -16.51
C ALA A 11 13.49 1.56 -16.08
N GLN A 12 13.48 1.10 -14.83
CA GLN A 12 12.41 0.22 -14.24
C GLN A 12 11.26 0.93 -13.54
N THR A 13 11.45 2.23 -13.24
CA THR A 13 10.43 3.04 -12.52
C THR A 13 10.02 4.30 -13.31
N ASN A 14 9.14 5.09 -12.71
CA ASN A 14 8.65 6.31 -13.33
C ASN A 14 9.47 7.52 -12.88
N PHE A 15 10.60 7.27 -12.24
CA PHE A 15 11.46 8.34 -11.73
C PHE A 15 12.70 8.61 -12.57
N THR A 16 13.09 9.88 -12.67
CA THR A 16 14.31 10.21 -13.41
C THR A 16 15.46 10.01 -12.43
N LYS A 17 16.69 10.11 -12.92
CA LYS A 17 17.83 9.92 -12.04
C LYS A 17 17.89 10.96 -10.91
N ARG A 18 17.58 12.22 -11.21
CA ARG A 18 17.62 13.22 -10.16
C ARG A 18 16.55 12.96 -9.09
N GLU A 19 15.39 12.45 -9.48
CA GLU A 19 14.36 12.13 -8.49
C GLU A 19 14.85 10.97 -7.62
N LEU A 20 15.49 9.99 -8.25
CA LEU A 20 16.01 8.86 -7.50
C LEU A 20 17.12 9.28 -6.56
N GLN A 21 17.87 10.33 -6.91
CA GLN A 21 18.95 10.78 -6.04
C GLN A 21 18.34 11.44 -4.80
N VAL A 22 17.21 12.10 -4.99
CA VAL A 22 16.55 12.75 -3.86
C VAL A 22 16.01 11.68 -2.91
N LEU A 23 15.40 10.65 -3.48
CA LEU A 23 14.85 9.55 -2.68
C LEU A 23 15.98 8.79 -1.98
N TYR A 24 17.08 8.59 -2.70
CA TYR A 24 18.23 7.85 -2.18
C TYR A 24 18.87 8.56 -1.01
N ARG A 25 19.16 9.84 -1.19
CA ARG A 25 19.75 10.63 -0.12
C ARG A 25 18.86 10.55 1.12
N GLY A 26 17.56 10.74 0.90
CA GLY A 26 16.62 10.69 2.01
C GLY A 26 16.62 9.34 2.68
N PHE A 27 16.72 8.30 1.86
CA PHE A 27 16.73 6.92 2.35
C PHE A 27 18.01 6.61 3.15
N LYS A 28 19.16 7.06 2.66
CA LYS A 28 20.42 6.80 3.37
C LYS A 28 20.47 7.50 4.71
N ASN A 29 19.91 8.71 4.79
CA ASN A 29 19.90 9.43 6.06
C ASN A 29 18.95 8.81 7.06
N GLU A 30 17.66 8.90 6.75
CA GLU A 30 16.63 8.41 7.62
C GLU A 30 16.56 6.92 7.86
N PRO A 32 19.54 4.28 7.93
CA PRO A 32 20.94 3.83 7.91
C PRO A 32 21.26 2.35 7.69
N SER A 33 20.39 1.44 8.12
CA SER A 33 20.64 0.03 7.92
C SER A 33 20.58 -0.31 6.44
N GLY A 34 19.95 0.57 5.65
CA GLY A 34 19.83 0.31 4.23
C GLY A 34 18.58 -0.44 3.85
N VAL A 35 17.76 -0.79 4.84
CA VAL A 35 16.50 -1.48 4.58
C VAL A 35 15.46 -0.92 5.52
N VAL A 36 14.19 -1.13 5.20
CA VAL A 36 13.10 -0.68 6.04
C VAL A 36 12.54 -1.94 6.68
N ASN A 37 12.61 -2.02 8.00
CA ASN A 37 12.10 -3.19 8.68
C ASN A 37 10.66 -2.93 9.08
N GLU A 38 9.91 -4.00 9.37
CA GLU A 38 8.51 -3.88 9.75
C GLU A 38 8.35 -2.93 10.92
N GLU A 39 9.32 -2.93 11.83
CA GLU A 39 9.27 -2.06 12.99
C GLU A 39 9.24 -0.59 12.59
N THR A 40 9.96 -0.25 11.50
CA THR A 40 9.98 1.13 11.03
C THR A 40 8.63 1.50 10.42
N PHE A 41 8.06 0.60 9.63
CA PHE A 41 6.76 0.88 9.02
C PHE A 41 5.74 1.16 10.11
N LYS A 42 5.74 0.33 11.14
CA LYS A 42 4.79 0.51 12.24
C LYS A 42 4.98 1.85 12.93
N GLN A 43 6.23 2.27 13.10
CA GLN A 43 6.51 3.55 13.75
C GLN A 43 6.03 4.69 12.88
N ILE A 44 6.31 4.61 11.59
CA ILE A 44 5.89 5.67 10.67
C ILE A 44 4.37 5.82 10.74
N TYR A 45 3.62 4.72 10.63
CA TYR A 45 2.17 4.82 10.69
C TYR A 45 1.61 5.12 12.07
N ALA A 46 2.26 4.64 13.14
CA ALA A 46 1.75 4.92 14.49
C ALA A 46 1.86 6.41 14.77
N GLN A 47 2.91 7.08 14.24
CA GLN A 47 3.11 8.55 14.37
C GLN A 47 2.03 9.40 13.74
N PHE A 48 1.68 8.95 12.52
CA PHE A 48 0.68 9.60 11.64
C PHE A 48 -0.75 9.34 12.09
N PHE A 49 -1.01 8.17 12.67
CA PHE A 49 -2.33 7.81 13.17
C PHE A 49 -2.09 7.45 14.64
N PRO A 50 -1.88 8.47 15.49
CA PRO A 50 -1.62 8.31 16.92
C PRO A 50 -2.81 7.98 17.79
N HIS A 51 -4.01 8.23 17.26
CA HIS A 51 -5.22 7.98 18.03
C HIS A 51 -5.90 6.68 17.66
N GLY A 52 -5.10 5.71 17.26
CA GLY A 52 -5.61 4.40 16.89
C GLY A 52 -4.47 3.42 16.90
N ASP A 53 -4.76 2.16 16.59
CA ASP A 53 -3.75 1.12 16.56
C ASP A 53 -3.46 0.78 15.09
N ALA A 54 -2.36 1.35 14.57
CA ALA A 54 -1.99 1.16 13.17
C ALA A 54 -1.05 0.00 12.90
N SER A 55 -0.73 -0.77 13.94
CA SER A 55 0.20 -1.90 13.78
C SER A 55 -0.20 -3.00 12.79
N THR A 56 -1.47 -3.39 12.76
CA THR A 56 -1.88 -4.45 11.84
C THR A 56 -1.81 -3.93 10.40
N TYR A 57 -2.40 -2.76 10.15
CA TYR A 57 -2.34 -2.19 8.80
C TYR A 57 -0.89 -2.04 8.37
N ALA A 58 -0.07 -1.49 9.26
CA ALA A 58 1.35 -1.30 8.95
C ALA A 58 1.96 -2.63 8.54
N HIS A 59 1.54 -3.69 9.21
CA HIS A 59 2.03 -5.04 8.92
C HIS A 59 1.67 -5.47 7.49
N TYR A 60 0.40 -5.34 7.12
CA TYR A 60 -0.01 -5.71 5.76
C TYR A 60 0.71 -4.83 4.72
N LEU A 61 0.83 -3.56 5.04
CA LEU A 61 1.49 -2.61 4.14
C LEU A 61 2.96 -2.99 3.97
N PHE A 62 3.62 -3.33 5.06
CA PHE A 62 5.02 -3.73 4.99
C PHE A 62 5.14 -4.94 4.08
N ASN A 63 4.24 -5.91 4.25
CA ASN A 63 4.28 -7.10 3.40
C ASN A 63 4.06 -6.75 1.94
N ALA A 64 3.31 -5.69 1.69
CA ALA A 64 3.05 -5.25 0.33
C ALA A 64 4.32 -4.68 -0.29
N PHE A 65 5.14 -4.00 0.50
CA PHE A 65 6.39 -3.43 0.00
C PHE A 65 7.45 -4.52 -0.17
N ASP A 66 7.43 -5.50 0.73
CA ASP A 66 8.38 -6.60 0.71
C ASP A 66 8.00 -7.66 -0.31
N THR A 67 8.22 -7.29 -1.57
CA THR A 67 7.84 -8.15 -2.68
C THR A 67 8.58 -9.51 -2.60
N THR A 68 9.86 -9.53 -2.30
CA THR A 68 10.62 -10.78 -2.19
C THR A 68 10.25 -11.57 -0.93
N GLN A 69 9.44 -10.97 -0.05
CA GLN A 69 9.03 -11.60 1.19
C GLN A 69 10.22 -12.08 2.02
N THR A 70 11.26 -11.24 2.08
CA THR A 70 12.47 -11.57 2.83
C THR A 70 12.52 -10.81 4.16
N GLY A 71 11.47 -10.04 4.43
CA GLY A 71 11.41 -9.29 5.67
C GLY A 71 12.25 -8.02 5.66
N SER A 72 12.77 -7.68 4.49
CA SER A 72 13.58 -6.48 4.36
C SER A 72 13.23 -5.73 3.09
N VAL A 73 12.75 -4.51 3.26
CA VAL A 73 12.55 -3.62 2.13
C VAL A 73 13.77 -2.79 1.76
N LYS A 74 14.45 -3.19 0.69
CA LYS A 74 15.63 -2.47 0.21
C LYS A 74 15.18 -1.22 -0.53
N PHE A 75 16.14 -0.33 -0.81
CA PHE A 75 15.85 0.91 -1.51
C PHE A 75 15.09 0.64 -2.79
N GLU A 76 15.53 -0.38 -3.53
CA GLU A 76 14.90 -0.75 -4.79
C GLU A 76 13.42 -1.07 -4.62
N ASP A 77 13.07 -1.80 -3.56
CA ASP A 77 11.68 -2.16 -3.30
C ASP A 77 10.88 -0.95 -2.85
N PHE A 78 11.51 -0.08 -2.06
CA PHE A 78 10.86 1.12 -1.57
C PHE A 78 10.50 2.03 -2.75
N VAL A 79 11.43 2.22 -3.68
CA VAL A 79 11.19 3.08 -4.84
C VAL A 79 10.19 2.48 -5.83
N THR A 80 10.25 1.17 -6.01
CA THR A 80 9.34 0.49 -6.92
C THR A 80 7.90 0.75 -6.48
N ALA A 81 7.64 0.58 -5.19
CA ALA A 81 6.31 0.81 -4.64
C ALA A 81 5.91 2.28 -4.79
N LEU A 82 6.81 3.19 -4.43
CA LEU A 82 6.53 4.61 -4.54
C LEU A 82 6.24 5.02 -5.98
N SER A 83 6.94 4.40 -6.93
CA SER A 83 6.76 4.69 -8.35
C SER A 83 5.29 4.44 -8.73
N ILE A 84 4.77 3.30 -8.31
CA ILE A 84 3.39 2.93 -8.59
C ILE A 84 2.40 3.84 -7.87
N LEU A 85 2.54 3.93 -6.55
CA LEU A 85 1.65 4.76 -5.73
C LEU A 85 1.62 6.24 -6.11
N LEU A 86 2.77 6.80 -6.44
CA LEU A 86 2.80 8.22 -6.78
C LEU A 86 2.60 8.50 -8.26
N ARG A 87 2.94 7.55 -9.13
CA ARG A 87 2.82 7.80 -10.57
C ARG A 87 2.29 6.72 -11.47
N GLY A 88 1.84 5.62 -10.91
CA GLY A 88 1.35 4.57 -11.78
C GLY A 88 -0.04 4.85 -12.34
N THR A 89 -0.44 4.07 -13.32
CA THR A 89 -1.77 4.22 -13.89
C THR A 89 -2.76 3.65 -12.85
N VAL A 90 -4.04 3.88 -13.07
CA VAL A 90 -5.05 3.35 -12.14
C VAL A 90 -4.95 1.83 -12.16
N HIS A 91 -4.64 1.27 -13.34
CA HIS A 91 -4.52 -0.17 -13.47
C HIS A 91 -3.41 -0.76 -12.60
N GLU A 92 -2.25 -0.10 -12.61
CA GLU A 92 -1.10 -0.53 -11.82
C GLU A 92 -1.38 -0.34 -10.33
N LYS A 93 -2.01 0.78 -9.97
CA LYS A 93 -2.32 1.05 -8.57
C LYS A 93 -3.28 0.02 -7.99
N LEU A 94 -4.30 -0.36 -8.77
CA LEU A 94 -5.27 -1.37 -8.31
C LEU A 94 -4.60 -2.73 -8.13
N ARG A 95 -3.67 -3.08 -9.02
CA ARG A 95 -2.96 -4.35 -8.92
C ARG A 95 -2.07 -4.37 -7.66
N TRP A 96 -1.49 -3.22 -7.34
CA TRP A 96 -0.63 -3.10 -6.15
C TRP A 96 -1.52 -3.28 -4.93
N THR A 97 -2.71 -2.68 -4.99
CA THR A 97 -3.66 -2.75 -3.89
C THR A 97 -4.20 -4.18 -3.69
N PHE A 98 -4.48 -4.88 -4.79
CA PHE A 98 -4.97 -6.25 -4.68
C PHE A 98 -3.91 -7.06 -3.93
N ASN A 99 -2.66 -6.89 -4.34
CA ASN A 99 -1.58 -7.61 -3.70
C ASN A 99 -1.43 -7.23 -2.23
N LEU A 100 -1.84 -6.05 -1.83
CA LEU A 100 -1.80 -5.64 -0.41
C LEU A 100 -2.86 -6.41 0.40
N TYR A 101 -4.05 -6.56 -0.17
CA TYR A 101 -5.14 -7.26 0.48
C TYR A 101 -4.92 -8.78 0.50
N ASP A 102 -4.18 -9.28 -0.48
CA ASP A 102 -3.89 -10.72 -0.56
C ASP A 102 -2.79 -10.97 0.45
N ILE A 103 -3.21 -11.08 1.70
CA ILE A 103 -2.32 -11.28 2.84
C ILE A 103 -1.33 -12.43 2.69
N ASN A 104 -1.82 -13.63 2.41
CA ASN A 104 -0.93 -14.78 2.28
C ASN A 104 -0.30 -14.91 0.90
N LYS A 105 -0.45 -13.88 0.08
CA LYS A 105 0.14 -13.84 -1.27
C LYS A 105 -0.08 -15.05 -2.19
N ASP A 106 -1.26 -15.67 -2.13
CA ASP A 106 -1.52 -16.81 -3.00
C ASP A 106 -2.25 -16.39 -4.29
N GLY A 107 -2.47 -15.09 -4.47
CA GLY A 107 -3.14 -14.62 -5.67
C GLY A 107 -4.65 -14.61 -5.56
N TYR A 108 -5.17 -14.85 -4.37
CA TYR A 108 -6.61 -14.85 -4.14
C TYR A 108 -6.89 -14.06 -2.88
N ILE A 109 -8.08 -13.47 -2.79
CA ILE A 109 -8.47 -12.77 -1.58
C ILE A 109 -9.73 -13.48 -1.11
N ASN A 110 -9.74 -13.99 0.11
CA ASN A 110 -10.94 -14.64 0.60
C ASN A 110 -11.64 -13.70 1.56
N LYS A 111 -12.85 -14.05 1.98
CA LYS A 111 -13.59 -13.17 2.88
C LYS A 111 -12.88 -12.86 4.20
N GLU A 112 -12.22 -13.84 4.80
CA GLU A 112 -11.51 -13.62 6.05
C GLU A 112 -10.44 -12.55 5.84
N GLU A 113 -9.67 -12.70 4.76
CA GLU A 113 -8.62 -11.74 4.44
C GLU A 113 -9.20 -10.33 4.31
N MET A 114 -10.34 -10.20 3.64
CA MET A 114 -10.95 -8.89 3.48
C MET A 114 -11.38 -8.39 4.85
N MET A 115 -11.91 -9.29 5.65
CA MET A 115 -12.34 -8.96 7.00
C MET A 115 -11.16 -8.44 7.81
N ASP A 116 -10.00 -9.09 7.68
CA ASP A 116 -8.82 -8.66 8.42
C ASP A 116 -8.35 -7.29 7.96
N ILE A 117 -8.38 -7.06 6.66
CA ILE A 117 -7.95 -5.76 6.12
C ILE A 117 -8.84 -4.64 6.66
N VAL A 118 -10.16 -4.84 6.60
CA VAL A 118 -11.09 -3.83 7.08
C VAL A 118 -10.90 -3.56 8.57
N LYS A 119 -10.74 -4.61 9.38
CA LYS A 119 -10.53 -4.40 10.80
C LYS A 119 -9.24 -3.65 11.06
N ALA A 120 -8.20 -3.94 10.29
CA ALA A 120 -6.92 -3.26 10.45
C ALA A 120 -7.09 -1.77 10.12
N ILE A 121 -7.93 -1.47 9.14
CA ILE A 121 -8.15 -0.07 8.78
C ILE A 121 -8.99 0.62 9.85
N TYR A 122 -10.04 -0.04 10.32
CA TYR A 122 -10.87 0.55 11.37
C TYR A 122 -10.02 0.75 12.63
N ASP A 123 -9.10 -0.18 12.91
CA ASP A 123 -8.23 -0.03 14.08
C ASP A 123 -7.36 1.22 13.91
N MET A 124 -6.88 1.44 12.68
CA MET A 124 -6.05 2.62 12.39
C MET A 124 -6.85 3.91 12.56
N MET A 125 -8.06 3.93 12.00
CA MET A 125 -8.92 5.11 12.09
C MET A 125 -9.47 5.27 13.51
N GLY A 126 -9.06 4.38 14.40
CA GLY A 126 -9.53 4.44 15.77
C GLY A 126 -10.97 3.99 15.90
N PRO A 138 -18.91 -3.01 9.89
CA PRO A 138 -17.95 -4.07 10.11
C PRO A 138 -18.32 -5.33 9.34
N ARG A 139 -18.42 -6.44 10.07
CA ARG A 139 -18.73 -7.73 9.45
C ARG A 139 -19.84 -7.70 8.41
N GLN A 140 -21.03 -7.28 8.82
CA GLN A 140 -22.17 -7.23 7.90
C GLN A 140 -21.86 -6.63 6.54
N HIS A 141 -21.37 -5.39 6.55
CA HIS A 141 -21.04 -4.69 5.31
C HIS A 141 -20.04 -5.46 4.45
N VAL A 142 -19.03 -6.04 5.08
CA VAL A 142 -18.03 -6.79 4.34
C VAL A 142 -18.63 -8.02 3.65
N ASP A 143 -19.59 -8.67 4.30
CA ASP A 143 -20.21 -9.83 3.66
C ASP A 143 -20.94 -9.36 2.42
N VAL A 144 -21.39 -8.12 2.44
CA VAL A 144 -22.08 -7.53 1.30
C VAL A 144 -21.07 -7.16 0.22
N PHE A 145 -19.96 -6.56 0.61
CA PHE A 145 -18.94 -6.19 -0.38
C PHE A 145 -18.34 -7.43 -1.05
N PHE A 146 -17.89 -8.37 -0.23
CA PHE A 146 -17.28 -9.59 -0.75
C PHE A 146 -18.20 -10.30 -1.73
N GLN A 147 -19.48 -10.38 -1.40
CA GLN A 147 -20.43 -11.07 -2.29
C GLN A 147 -20.54 -10.37 -3.64
N LYS A 148 -20.54 -9.04 -3.65
CA LYS A 148 -20.63 -8.33 -4.90
C LYS A 148 -19.33 -8.49 -5.70
N MET A 149 -18.20 -8.61 -5.01
CA MET A 149 -16.91 -8.75 -5.68
C MET A 149 -16.61 -10.11 -6.25
N ASP A 150 -17.05 -11.17 -5.55
CA ASP A 150 -16.80 -12.53 -6.01
C ASP A 150 -17.83 -12.85 -7.09
N LYS A 151 -17.52 -12.44 -8.32
CA LYS A 151 -18.41 -12.61 -9.46
C LYS A 151 -18.92 -14.03 -9.70
N ASN A 152 -18.03 -15.02 -9.70
CA ASN A 152 -18.43 -16.40 -9.94
C ASN A 152 -18.84 -17.16 -8.66
N LYS A 153 -19.01 -16.49 -7.60
CA LYS A 153 -19.51 -17.16 -6.41
C LYS A 153 -18.71 -18.42 -5.98
N ASP A 154 -17.37 -18.42 -5.96
CA ASP A 154 -16.62 -19.58 -5.53
C ASP A 154 -15.77 -19.34 -4.29
N GLY A 155 -16.10 -18.26 -3.56
CA GLY A 155 -15.47 -17.94 -2.27
C GLY A 155 -14.11 -17.23 -2.33
N ILE A 156 -13.60 -16.98 -3.53
CA ILE A 156 -12.30 -16.32 -3.66
C ILE A 156 -12.39 -15.19 -4.69
N VAL A 157 -11.74 -14.07 -4.41
CA VAL A 157 -11.75 -12.94 -5.33
C VAL A 157 -10.39 -12.95 -6.03
N THR A 158 -10.41 -13.13 -7.35
CA THR A 158 -9.17 -13.14 -8.12
C THR A 158 -8.81 -11.69 -8.51
N LEU A 159 -7.63 -11.50 -9.08
CA LEU A 159 -7.23 -10.16 -9.50
C LEU A 159 -8.24 -9.65 -10.51
N ASP A 160 -8.67 -10.50 -11.44
CA ASP A 160 -9.61 -10.05 -12.45
C ASP A 160 -10.95 -9.62 -11.88
N GLU A 161 -11.46 -10.33 -10.88
CA GLU A 161 -12.72 -9.94 -10.27
C GLU A 161 -12.52 -8.66 -9.46
N PHE A 162 -11.34 -8.50 -8.88
CA PHE A 162 -11.05 -7.30 -8.09
C PHE A 162 -11.03 -6.07 -9.01
N LEU A 163 -10.34 -6.20 -10.14
CA LEU A 163 -10.22 -5.11 -11.11
C LEU A 163 -11.61 -4.72 -11.60
N GLU A 164 -12.39 -5.72 -11.99
CA GLU A 164 -13.72 -5.43 -12.47
C GLU A 164 -14.57 -4.67 -11.47
N SER A 165 -14.75 -5.21 -10.27
CA SER A 165 -15.61 -4.48 -9.37
C SER A 165 -15.04 -3.21 -8.79
N GLN A 167 -13.71 -1.01 -10.61
CA GLN A 167 -13.76 -0.06 -11.75
C GLN A 167 -15.17 -0.04 -12.34
N GLU A 168 -16.08 -0.81 -11.75
CA GLU A 168 -17.45 -0.85 -12.28
C GLU A 168 -18.36 0.23 -11.72
N ASP A 169 -19.36 0.58 -12.52
CA ASP A 169 -20.32 1.62 -12.18
C ASP A 169 -21.56 1.03 -11.51
N ASP A 170 -21.44 0.77 -10.21
CA ASP A 170 -22.50 0.23 -9.35
C ASP A 170 -22.35 1.10 -8.10
N ASN A 171 -23.44 1.65 -7.58
CA ASN A 171 -23.34 2.54 -6.41
C ASN A 171 -22.54 2.02 -5.21
N ILE A 172 -22.73 0.75 -4.86
CA ILE A 172 -21.99 0.18 -3.74
C ILE A 172 -20.50 0.11 -4.08
N MET A 173 -20.17 -0.37 -5.27
CA MET A 173 -18.76 -0.47 -5.66
C MET A 173 -18.12 0.91 -5.73
N ARG A 174 -18.86 1.90 -6.24
CA ARG A 174 -18.36 3.27 -6.32
C ARG A 174 -18.05 3.81 -4.92
N SER A 175 -18.89 3.48 -3.94
CA SER A 175 -18.69 3.90 -2.55
C SER A 175 -17.36 3.35 -2.03
N LEU A 176 -17.15 2.07 -2.28
CA LEU A 176 -15.95 1.37 -1.84
C LEU A 176 -14.70 1.89 -2.55
N GLN A 177 -14.83 2.18 -3.83
CA GLN A 177 -13.72 2.70 -4.64
C GLN A 177 -13.25 4.04 -4.11
N LEU A 178 -14.22 4.87 -3.70
CA LEU A 178 -13.92 6.19 -3.15
C LEU A 178 -13.14 6.03 -1.84
N PHE A 179 -13.60 5.13 -0.98
CA PHE A 179 -12.92 4.92 0.28
C PHE A 179 -11.49 4.47 0.03
N GLN A 180 -11.34 3.52 -0.90
CA GLN A 180 -10.02 3.01 -1.21
C GLN A 180 -9.11 4.10 -1.80
N ASN A 181 -9.65 4.96 -2.66
CA ASN A 181 -8.84 6.04 -3.24
C ASN A 181 -8.29 6.95 -2.11
N VAL A 182 -9.18 7.30 -1.19
CA VAL A 182 -8.78 8.17 -0.10
C VAL A 182 -7.83 7.42 0.85
N MET A 183 -8.06 6.11 0.98
CA MET A 183 -7.24 5.27 1.85
C MET A 183 -5.82 5.20 1.26
N MET B 1 -5.73 5.13 -0.07
CA MET B 1 -4.41 5.09 -0.66
C MET B 1 -3.67 6.39 -0.36
N ALA B 2 -4.39 7.52 -0.39
CA ALA B 2 -3.76 8.81 -0.10
C ALA B 2 -3.26 8.86 1.35
N ALA B 3 -4.02 8.25 2.27
CA ALA B 3 -3.64 8.21 3.69
C ALA B 3 -2.34 7.41 3.86
N GLY B 4 -2.23 6.29 3.15
CA GLY B 4 -1.03 5.49 3.22
C GLY B 4 0.19 6.28 2.77
N VAL B 5 0.02 7.06 1.71
CA VAL B 5 1.10 7.90 1.17
C VAL B 5 1.40 9.07 2.10
N ALA B 6 0.36 9.72 2.59
CA ALA B 6 0.49 10.89 3.46
C ALA B 6 1.35 10.67 4.69
N ALA B 7 1.38 9.43 5.18
CA ALA B 7 2.14 9.05 6.36
C ALA B 7 3.64 9.28 6.16
N TRP B 8 4.07 9.34 4.91
CA TRP B 8 5.47 9.57 4.61
C TRP B 8 5.82 11.04 4.49
N LEU B 9 4.99 11.91 5.03
CA LEU B 9 5.24 13.36 4.94
C LEU B 9 6.55 13.76 5.65
N PRO B 10 6.84 13.18 6.84
CA PRO B 10 8.08 13.53 7.54
C PRO B 10 9.29 13.18 6.68
N PHE B 11 9.28 11.99 6.09
CA PHE B 11 10.37 11.55 5.21
C PHE B 11 10.49 12.52 4.04
N ALA B 12 9.37 12.87 3.43
CA ALA B 12 9.38 13.79 2.29
C ALA B 12 10.01 15.12 2.67
N ARG B 13 9.61 15.67 3.81
CA ARG B 13 10.13 16.93 4.27
C ARG B 13 11.63 16.83 4.52
N ALA B 14 12.06 15.71 5.09
CA ALA B 14 13.46 15.49 5.38
C ALA B 14 14.27 15.34 4.10
N ALA B 15 13.71 14.65 3.11
CA ALA B 15 14.39 14.46 1.83
C ALA B 15 14.64 15.79 1.15
N ALA B 16 13.66 16.70 1.24
CA ALA B 16 13.77 18.01 0.62
C ALA B 16 14.77 18.91 1.33
N ILE B 17 14.78 18.84 2.65
CA ILE B 17 15.68 19.63 3.47
C ILE B 17 17.13 19.13 3.33
N GLY B 18 17.26 17.89 2.86
CA GLY B 18 18.58 17.30 2.67
C GLY B 18 19.33 17.85 1.47
N TRP B 19 18.63 18.58 0.61
CA TRP B 19 19.25 19.17 -0.57
C TRP B 19 19.40 20.68 -0.50
N MET B 20 18.86 21.26 0.57
CA MET B 20 18.95 22.70 0.77
C MET B 20 20.18 23.07 1.59
N PRO B 21 21.28 23.32 0.89
CA PRO B 21 22.53 23.68 1.55
C PRO B 21 22.37 24.85 2.50
#